data_5FMQ
#
_entry.id   5FMQ
#
_cell.length_a   123.050
_cell.length_b   123.050
_cell.length_c   229.860
_cell.angle_alpha   90.00
_cell.angle_beta   90.00
_cell.angle_gamma   120.00
#
_symmetry.space_group_name_H-M   'H 3 2'
#
loop_
_entity.id
_entity.type
_entity.pdbx_description
1 polymer 'INFLUENZA A PB2 SUBUNIT'
2 non-polymer "7N-METHYL-8-HYDROGUANOSINE-5'-TRIPHOSPHATE"
#
_entity_poly.entity_id   1
_entity_poly.type   'polypeptide(L)'
_entity_poly.pdbx_seq_one_letter_code
;GGEVRNDDVDQSLIIAARNIVRRATVSADPLASLLEMCHSTQIGGIRMVDILRQNPTEEQAVDICKAAMGLRISSSFSFG
GFTFKRTSGSSVKKEEEVLTGNLQTLKIRVHEGYEEFTMVGRRATAILRKATRRLIQLIVSGRDQQSIAEAIIVAMVFSQ
EDCMIKAVRGDLNFVNRANQRLNPMHQLLRHFQKDAKVLFQNWGIEPIDNVMGMIGILPDMTPSTEMSLRGVRVSKMGVD
EYSSTERVVVSIDRFLRVRDQRGNVLLSPEEVSETQGTEKLTITYSSSMMWEINGPESVLVNTYQWIIRNWETVKIQWSQ
DPTMLYNKMEFEPFQSLVPKAARGQYSGFVRTLFQQMRDVLGTFDTVQIIKLLPFAAAPPKQSRMQFSSLTVNVRGSGMR
ILVRGNSPVFNYNKATKRLTVLGKDAGALTEDPDEGTAGVESAVLRGFLILGKEDKRYGPALSINELSNLAKGEKANVLI
GQGDVVLVMK
;
_entity_poly.pdbx_strand_id   A
#
loop_
_chem_comp.id
_chem_comp.type
_chem_comp.name
_chem_comp.formula
MGT non-polymer 7N-METHYL-8-HYDROGUANOSINE-5'-TRIPHOSPHATE 'C11 H20 N5 O14 P3'
#
# COMPACT_ATOMS: atom_id res chain seq x y z
N ASN A 6 24.06 6.00 4.16
CA ASN A 6 23.71 4.55 4.16
C ASN A 6 22.40 4.27 4.91
N ASP A 7 22.36 4.68 6.18
CA ASP A 7 21.17 4.47 7.02
C ASP A 7 20.01 5.40 6.65
N ASP A 8 20.34 6.64 6.29
CA ASP A 8 19.33 7.62 5.84
C ASP A 8 18.75 7.24 4.48
N VAL A 9 19.54 6.60 3.63
CA VAL A 9 19.10 6.12 2.32
C VAL A 9 18.15 4.93 2.50
N ASP A 10 18.54 3.98 3.35
CA ASP A 10 17.71 2.78 3.64
C ASP A 10 16.34 3.13 4.19
N GLN A 11 16.31 4.05 5.15
CA GLN A 11 15.05 4.50 5.76
C GLN A 11 14.15 5.21 4.76
N SER A 12 14.73 6.12 3.98
CA SER A 12 13.99 6.86 2.96
C SER A 12 13.53 5.96 1.79
N LEU A 13 14.30 4.92 1.50
CA LEU A 13 13.92 3.91 0.51
C LEU A 13 12.68 3.11 0.95
N ILE A 14 12.61 2.77 2.23
CA ILE A 14 11.44 2.07 2.79
C ILE A 14 10.19 2.95 2.67
N ILE A 15 10.31 4.20 3.09
CA ILE A 15 9.20 5.17 3.03
C ILE A 15 8.80 5.47 1.57
N ALA A 16 9.77 5.50 0.67
CA ALA A 16 9.52 5.70 -0.76
C ALA A 16 8.74 4.53 -1.36
N ALA A 17 9.29 3.32 -1.19
CA ALA A 17 8.72 2.10 -1.78
C ALA A 17 7.31 1.79 -1.28
N ARG A 18 7.08 1.98 0.02
CA ARG A 18 5.76 1.77 0.63
C ARG A 18 4.69 2.65 0.00
N ASN A 19 4.96 3.96 -0.09
CA ASN A 19 4.02 4.93 -0.68
C ASN A 19 3.65 4.61 -2.13
N ILE A 20 4.61 4.06 -2.88
CA ILE A 20 4.40 3.64 -4.27
C ILE A 20 3.54 2.38 -4.34
N VAL A 21 3.85 1.38 -3.52
CA VAL A 21 3.08 0.14 -3.47
C VAL A 21 1.65 0.40 -2.95
N ARG A 22 1.54 1.28 -1.95
CA ARG A 22 0.22 1.72 -1.42
C ARG A 22 -0.64 2.37 -2.51
N ARG A 23 -0.02 3.27 -3.29
CA ARG A 23 -0.71 3.96 -4.39
C ARG A 23 -0.99 3.02 -5.57
N ALA A 24 -0.07 2.08 -5.83
CA ALA A 24 -0.20 1.14 -6.96
C ALA A 24 -1.41 0.21 -6.84
N THR A 25 -1.69 -0.28 -5.63
CA THR A 25 -2.83 -1.19 -5.39
C THR A 25 -4.19 -0.62 -5.82
N VAL A 26 -4.36 0.70 -5.64
CA VAL A 26 -5.62 1.38 -5.98
C VAL A 26 -5.76 1.58 -7.49
N SER A 27 -4.65 1.59 -8.23
CA SER A 27 -4.66 1.76 -9.68
C SER A 27 -5.20 0.53 -10.42
N ALA A 28 -5.58 0.74 -11.69
CA ALA A 28 -6.11 -0.31 -12.55
C ALA A 28 -5.04 -1.30 -13.04
N ASP A 29 -3.78 -0.87 -13.06
CA ASP A 29 -2.65 -1.73 -13.42
C ASP A 29 -1.50 -1.47 -12.43
N PRO A 30 -1.59 -2.04 -11.22
CA PRO A 30 -0.59 -1.80 -10.16
C PRO A 30 0.87 -2.02 -10.58
N LEU A 31 1.13 -3.10 -11.31
CA LEU A 31 2.48 -3.40 -11.79
C LEU A 31 3.02 -2.29 -12.69
N ALA A 32 2.20 -1.84 -13.64
CA ALA A 32 2.57 -0.73 -14.54
C ALA A 32 2.69 0.60 -13.79
N SER A 33 1.77 0.85 -12.86
CA SER A 33 1.79 2.05 -12.01
C SER A 33 3.03 2.09 -11.12
N LEU A 34 3.40 0.94 -10.55
CA LEU A 34 4.58 0.83 -9.70
C LEU A 34 5.87 1.13 -10.48
N LEU A 35 5.99 0.55 -11.68
CA LEU A 35 7.15 0.79 -12.54
C LEU A 35 7.24 2.24 -12.99
N GLU A 36 6.10 2.80 -13.43
CA GLU A 36 6.01 4.22 -13.81
C GLU A 36 6.53 5.13 -12.68
N MET A 37 6.08 4.86 -11.46
CA MET A 37 6.49 5.62 -10.28
C MET A 37 7.95 5.36 -9.89
N CYS A 38 8.38 4.10 -9.92
CA CYS A 38 9.78 3.75 -9.60
C CYS A 38 10.79 4.35 -10.58
N HIS A 39 10.46 4.33 -11.88
CA HIS A 39 11.31 4.94 -12.91
C HIS A 39 11.35 6.47 -12.85
N SER A 40 10.30 7.10 -12.32
CA SER A 40 10.19 8.56 -12.22
C SER A 40 10.74 9.14 -10.90
N THR A 41 10.58 8.40 -9.80
CA THR A 41 10.90 8.90 -8.46
C THR A 41 12.41 9.02 -8.19
N GLN A 42 12.80 10.07 -7.46
CA GLN A 42 14.16 10.28 -6.98
C GLN A 42 14.19 10.27 -5.45
N ILE A 43 15.33 9.86 -4.88
CA ILE A 43 15.55 9.90 -3.42
C ILE A 43 16.93 10.50 -3.15
N GLY A 44 16.94 11.78 -2.74
CA GLY A 44 18.18 12.48 -2.39
C GLY A 44 19.13 12.68 -3.56
N GLY A 45 18.58 13.13 -4.69
CA GLY A 45 19.36 13.37 -5.91
C GLY A 45 19.43 12.18 -6.86
N ILE A 46 19.52 10.97 -6.31
CA ILE A 46 19.71 9.76 -7.10
C ILE A 46 18.34 9.17 -7.46
N ARG A 47 18.28 8.46 -8.59
CA ARG A 47 17.07 7.74 -8.99
C ARG A 47 16.87 6.53 -8.07
N MET A 48 15.62 6.17 -7.82
CA MET A 48 15.30 4.94 -7.08
C MET A 48 15.70 3.69 -7.87
N VAL A 49 15.60 3.77 -9.21
CA VAL A 49 16.02 2.67 -10.08
C VAL A 49 17.46 2.25 -9.79
N ASP A 50 18.34 3.24 -9.61
CA ASP A 50 19.74 3.00 -9.27
C ASP A 50 19.92 2.49 -7.82
N ILE A 51 19.15 3.06 -6.89
CA ILE A 51 19.21 2.66 -5.48
C ILE A 51 18.85 1.18 -5.30
N LEU A 52 17.79 0.72 -5.97
CA LEU A 52 17.33 -0.67 -5.84
C LEU A 52 18.35 -1.72 -6.31
N ARG A 53 19.23 -1.35 -7.25
CA ARG A 53 20.31 -2.25 -7.70
C ARG A 53 21.45 -2.33 -6.69
N GLN A 54 21.86 -1.19 -6.14
CA GLN A 54 22.94 -1.14 -5.14
C GLN A 54 22.51 -1.61 -3.75
N ASN A 55 21.37 -1.10 -3.29
CA ASN A 55 20.95 -1.25 -1.89
C ASN A 55 20.49 -2.68 -1.58
N PRO A 56 21.07 -3.32 -0.53
CA PRO A 56 20.64 -4.64 -0.09
C PRO A 56 19.58 -4.62 1.03
N THR A 57 18.71 -3.59 1.05
CA THR A 57 17.65 -3.49 2.05
C THR A 57 16.56 -4.52 1.77
N GLU A 58 16.40 -5.48 2.70
CA GLU A 58 15.34 -6.48 2.61
C GLU A 58 14.12 -5.98 3.39
N GLU A 59 13.09 -5.59 2.65
CA GLU A 59 11.85 -5.08 3.24
C GLU A 59 10.68 -5.36 2.29
N GLN A 60 9.49 -5.54 2.86
CA GLN A 60 8.29 -5.98 2.11
C GLN A 60 8.02 -5.14 0.86
N ALA A 61 7.76 -3.85 1.07
CA ALA A 61 7.49 -2.90 -0.02
C ALA A 61 8.68 -2.68 -0.96
N VAL A 62 9.89 -2.65 -0.41
CA VAL A 62 11.11 -2.44 -1.20
C VAL A 62 11.38 -3.62 -2.13
N ASP A 63 11.28 -4.84 -1.60
CA ASP A 63 11.48 -6.06 -2.40
C ASP A 63 10.44 -6.26 -3.50
N ILE A 64 9.21 -5.75 -3.30
CA ILE A 64 8.18 -5.77 -4.34
C ILE A 64 8.60 -4.90 -5.54
N CYS A 65 9.25 -3.77 -5.28
CA CYS A 65 9.81 -2.91 -6.34
C CYS A 65 10.95 -3.61 -7.07
N LYS A 66 11.83 -4.28 -6.32
CA LYS A 66 12.94 -5.04 -6.89
C LYS A 66 12.46 -6.19 -7.79
N ALA A 67 11.40 -6.87 -7.35
CA ALA A 67 10.77 -7.93 -8.14
C ALA A 67 10.18 -7.41 -9.46
N ALA A 68 9.58 -6.21 -9.40
CA ALA A 68 9.00 -5.57 -10.59
C ALA A 68 10.03 -5.26 -11.67
N MET A 69 11.23 -4.82 -11.25
CA MET A 69 12.30 -4.44 -12.18
C MET A 69 13.20 -5.61 -12.61
N GLY A 70 12.88 -6.84 -12.22
CA GLY A 70 13.65 -8.01 -12.62
C GLY A 70 14.94 -8.18 -11.83
N LEU A 71 14.85 -7.96 -10.52
CA LEU A 71 15.98 -8.12 -9.61
C LEU A 71 15.67 -9.24 -8.63
N ARG A 72 16.71 -9.81 -8.05
CA ARG A 72 16.57 -10.90 -7.07
C ARG A 72 16.25 -10.34 -5.70
N ILE A 73 15.49 -11.13 -4.92
CA ILE A 73 15.12 -10.79 -3.54
C ILE A 73 15.27 -12.01 -2.64
N SER A 74 15.03 -11.84 -1.34
CA SER A 74 15.10 -12.94 -0.37
C SER A 74 14.19 -14.11 -0.74
N SER A 75 14.69 -15.33 -0.52
CA SER A 75 13.92 -16.55 -0.71
C SER A 75 12.78 -16.68 0.31
N SER A 76 12.94 -16.04 1.47
CA SER A 76 11.92 -16.02 2.52
C SER A 76 10.66 -15.26 2.11
N PHE A 77 9.59 -15.49 2.88
CA PHE A 77 8.27 -14.91 2.62
C PHE A 77 7.76 -14.14 3.83
N SER A 78 6.97 -13.11 3.57
CA SER A 78 6.36 -12.30 4.62
C SER A 78 4.96 -12.82 4.95
N PHE A 79 4.67 -12.95 6.24
CA PHE A 79 3.33 -13.33 6.72
C PHE A 79 3.03 -12.60 8.03
N GLY A 80 1.96 -11.80 8.04
CA GLY A 80 1.61 -10.96 9.18
C GLY A 80 2.65 -9.92 9.57
N GLY A 81 3.45 -9.47 8.60
CA GLY A 81 4.56 -8.54 8.84
C GLY A 81 5.83 -9.15 9.42
N PHE A 82 5.95 -10.48 9.33
CA PHE A 82 7.13 -11.21 9.81
C PHE A 82 7.76 -11.98 8.66
N THR A 83 9.09 -11.93 8.56
CA THR A 83 9.83 -12.66 7.53
C THR A 83 10.13 -14.07 8.04
N PHE A 84 9.61 -15.08 7.34
CA PHE A 84 9.75 -16.49 7.72
C PHE A 84 10.91 -17.15 6.98
N LYS A 85 12.00 -17.41 7.68
CA LYS A 85 13.20 -18.03 7.11
C LYS A 85 13.26 -19.50 7.55
N ARG A 86 12.96 -20.41 6.62
CA ARG A 86 12.97 -21.85 6.93
C ARG A 86 14.41 -22.38 7.00
N THR A 87 14.94 -22.44 8.21
CA THR A 87 16.32 -22.90 8.44
C THR A 87 16.50 -24.41 8.24
N SER A 88 15.45 -25.18 8.53
CA SER A 88 15.51 -26.65 8.42
C SER A 88 14.13 -27.26 8.15
N GLY A 89 14.15 -28.49 7.65
CA GLY A 89 12.92 -29.24 7.35
C GLY A 89 12.35 -28.94 5.99
N SER A 90 11.19 -29.55 5.70
CA SER A 90 10.48 -29.35 4.44
C SER A 90 9.02 -29.80 4.56
N SER A 91 8.22 -29.46 3.55
CA SER A 91 6.80 -29.80 3.54
C SER A 91 6.23 -29.91 2.13
N VAL A 92 4.99 -30.40 2.05
CA VAL A 92 4.23 -30.51 0.81
C VAL A 92 2.85 -29.89 1.01
N LYS A 93 2.34 -29.26 -0.05
CA LYS A 93 1.03 -28.60 0.00
C LYS A 93 -0.09 -29.63 0.01
N LYS A 94 -1.20 -29.28 0.65
CA LYS A 94 -2.41 -30.09 0.63
C LYS A 94 -3.60 -29.18 0.91
N GLU A 95 -4.37 -28.89 -0.15
CA GLU A 95 -5.50 -27.95 -0.06
C GLU A 95 -6.68 -28.64 0.62
N GLU A 96 -7.14 -28.07 1.73
CA GLU A 96 -8.23 -28.64 2.53
C GLU A 96 -9.22 -27.58 2.98
N GLU A 97 -10.48 -27.99 3.14
CA GLU A 97 -11.56 -27.15 3.63
C GLU A 97 -11.74 -27.38 5.13
N VAL A 98 -11.98 -26.30 5.87
CA VAL A 98 -12.14 -26.37 7.34
C VAL A 98 -13.24 -25.41 7.82
N LEU A 99 -14.04 -25.86 8.79
CA LEU A 99 -15.11 -25.05 9.37
C LEU A 99 -14.60 -24.29 10.59
N THR A 100 -14.85 -22.97 10.61
CA THR A 100 -14.47 -22.11 11.73
C THR A 100 -15.46 -22.27 12.89
N GLY A 101 -15.23 -21.53 13.98
CA GLY A 101 -16.19 -21.47 15.09
C GLY A 101 -17.57 -20.96 14.71
N ASN A 102 -17.63 -20.08 13.71
CA ASN A 102 -18.89 -19.56 13.15
C ASN A 102 -19.42 -20.39 11.95
N LEU A 103 -18.88 -21.59 11.75
CA LEU A 103 -19.28 -22.50 10.67
C LEU A 103 -19.05 -21.95 9.24
N GLN A 104 -17.98 -21.18 9.07
CA GLN A 104 -17.58 -20.64 7.77
C GLN A 104 -16.50 -21.54 7.17
N THR A 105 -16.72 -22.02 5.95
CA THR A 105 -15.76 -22.90 5.27
C THR A 105 -14.62 -22.08 4.68
N LEU A 106 -13.39 -22.42 5.07
CA LEU A 106 -12.17 -21.76 4.57
C LEU A 106 -11.27 -22.80 3.90
N LYS A 107 -11.01 -22.61 2.60
CA LYS A 107 -10.13 -23.50 1.84
C LYS A 107 -8.68 -23.06 2.02
N ILE A 108 -7.90 -23.85 2.73
CA ILE A 108 -6.51 -23.49 3.08
C ILE A 108 -5.50 -24.53 2.59
N ARG A 109 -4.33 -24.05 2.20
CA ARG A 109 -3.21 -24.93 1.84
C ARG A 109 -2.49 -25.36 3.12
N VAL A 110 -2.72 -26.62 3.53
CA VAL A 110 -2.06 -27.20 4.69
C VAL A 110 -0.68 -27.70 4.25
N HIS A 111 0.34 -27.43 5.06
CA HIS A 111 1.72 -27.85 4.78
C HIS A 111 2.08 -29.07 5.62
N GLU A 112 2.07 -30.24 4.98
CA GLU A 112 2.34 -31.51 5.65
C GLU A 112 3.83 -31.77 5.75
N GLY A 113 4.37 -31.75 6.97
CA GLY A 113 5.78 -32.03 7.24
C GLY A 113 6.36 -31.20 8.37
N TYR A 114 7.41 -31.72 9.00
CA TYR A 114 8.11 -31.00 10.07
C TYR A 114 9.00 -29.91 9.47
N GLU A 115 8.89 -28.70 10.01
CA GLU A 115 9.66 -27.54 9.54
C GLU A 115 10.07 -26.62 10.68
N GLU A 116 11.29 -26.10 10.60
CA GLU A 116 11.83 -25.15 11.57
C GLU A 116 12.01 -23.79 10.90
N PHE A 117 11.35 -22.77 11.45
CA PHE A 117 11.41 -21.40 10.91
C PHE A 117 12.09 -20.43 11.87
N THR A 118 12.46 -19.28 11.32
CA THR A 118 12.99 -18.16 12.09
C THR A 118 12.19 -16.91 11.70
N MET A 119 11.27 -16.50 12.57
CA MET A 119 10.44 -15.32 12.35
C MET A 119 11.23 -14.06 12.70
N VAL A 120 11.31 -13.13 11.74
CA VAL A 120 12.01 -11.85 11.92
C VAL A 120 10.98 -10.73 11.76
N GLY A 121 10.74 -9.98 12.83
CA GLY A 121 9.77 -8.89 12.84
C GLY A 121 10.39 -7.53 13.09
N ARG A 122 9.57 -6.49 12.99
CA ARG A 122 10.01 -5.11 13.22
C ARG A 122 10.24 -4.83 14.72
N ARG A 123 9.40 -5.42 15.58
CA ARG A 123 9.49 -5.25 17.04
C ARG A 123 9.69 -6.59 17.78
N ALA A 124 9.96 -7.68 17.05
CA ALA A 124 10.03 -9.01 17.66
C ALA A 124 10.79 -10.03 16.79
N THR A 125 11.30 -11.06 17.46
CA THR A 125 12.01 -12.16 16.80
C THR A 125 11.54 -13.47 17.43
N ALA A 126 11.53 -14.56 16.66
CA ALA A 126 11.09 -15.85 17.16
C ALA A 126 11.61 -17.03 16.35
N ILE A 127 11.75 -18.19 17.01
CA ILE A 127 12.16 -19.44 16.38
C ILE A 127 10.99 -20.43 16.50
N LEU A 128 10.29 -20.65 15.39
CA LEU A 128 9.12 -21.53 15.35
C LEU A 128 9.51 -22.95 14.94
N ARG A 129 8.98 -23.93 15.68
CA ARG A 129 9.08 -25.35 15.31
C ARG A 129 7.67 -25.87 15.05
N LYS A 130 7.42 -26.35 13.83
CA LYS A 130 6.08 -26.67 13.33
C LYS A 130 5.96 -28.12 12.84
N ALA A 131 4.75 -28.66 12.94
CA ALA A 131 4.36 -29.90 12.25
C ALA A 131 3.01 -29.70 11.52
N THR A 132 2.49 -30.75 10.91
CA THR A 132 1.20 -30.70 10.18
C THR A 132 0.04 -30.31 11.11
N ARG A 133 -0.56 -29.15 10.85
CA ARG A 133 -1.69 -28.61 11.65
C ARG A 133 -1.36 -28.54 13.16
N ARG A 134 -0.11 -28.19 13.47
CA ARG A 134 0.39 -28.27 14.85
C ARG A 134 1.60 -27.37 15.06
N LEU A 135 1.68 -26.79 16.26
CA LEU A 135 2.83 -25.98 16.70
C LEU A 135 3.59 -26.77 17.77
N ILE A 136 4.86 -27.10 17.48
CA ILE A 136 5.67 -27.90 18.39
C ILE A 136 6.26 -27.00 19.48
N GLN A 137 6.93 -25.93 19.05
CA GLN A 137 7.55 -24.97 19.97
C GLN A 137 7.62 -23.58 19.35
N LEU A 138 7.60 -22.55 20.21
CA LEU A 138 7.76 -21.16 19.79
C LEU A 138 8.57 -20.37 20.81
N ILE A 139 9.87 -20.23 20.54
CA ILE A 139 10.76 -19.38 21.34
C ILE A 139 10.61 -17.98 20.76
N VAL A 140 10.49 -16.96 21.61
CA VAL A 140 10.17 -15.59 21.17
C VAL A 140 10.86 -14.50 21.99
N SER A 141 11.38 -13.48 21.30
CA SER A 141 11.87 -12.23 21.92
C SER A 141 11.09 -11.05 21.37
N GLY A 142 11.14 -9.94 22.10
CA GLY A 142 10.41 -8.73 21.74
C GLY A 142 10.75 -7.53 22.59
N ARG A 143 10.32 -6.36 22.14
CA ARG A 143 10.59 -5.10 22.82
C ARG A 143 9.68 -4.94 24.04
N ASP A 144 8.39 -5.18 23.84
CA ASP A 144 7.40 -5.16 24.92
C ASP A 144 6.44 -6.35 24.80
N GLN A 145 5.62 -6.57 25.84
CA GLN A 145 4.63 -7.65 25.86
C GLN A 145 3.60 -7.59 24.73
N GLN A 146 3.31 -6.38 24.24
CA GLN A 146 2.44 -6.19 23.07
C GLN A 146 3.08 -6.75 21.80
N SER A 147 4.35 -6.44 21.59
CA SER A 147 5.11 -6.95 20.44
C SER A 147 5.33 -8.46 20.48
N ILE A 148 5.41 -9.04 21.69
CA ILE A 148 5.46 -10.49 21.89
C ILE A 148 4.14 -11.12 21.45
N ALA A 149 3.03 -10.55 21.90
CA ALA A 149 1.68 -11.03 21.58
C ALA A 149 1.38 -11.03 20.08
N GLU A 150 1.86 -10.01 19.37
CA GLU A 150 1.74 -9.93 17.91
C GLU A 150 2.39 -11.14 17.23
N ALA A 151 3.60 -11.47 17.64
CA ALA A 151 4.35 -12.61 17.10
C ALA A 151 3.70 -13.96 17.46
N ILE A 152 3.14 -14.05 18.66
CA ILE A 152 2.42 -15.26 19.09
C ILE A 152 1.18 -15.48 18.21
N ILE A 153 0.38 -14.43 18.04
CA ILE A 153 -0.85 -14.49 17.22
C ILE A 153 -0.54 -14.91 15.78
N VAL A 154 0.54 -14.35 15.22
CA VAL A 154 0.99 -14.71 13.87
C VAL A 154 1.44 -16.18 13.79
N ALA A 155 2.16 -16.63 14.82
CA ALA A 155 2.62 -18.03 14.89
C ALA A 155 1.49 -19.03 15.09
N MET A 156 0.48 -18.65 15.88
CA MET A 156 -0.70 -19.48 16.11
C MET A 156 -1.54 -19.67 14.85
N VAL A 157 -1.71 -18.60 14.08
CA VAL A 157 -2.43 -18.66 12.79
C VAL A 157 -1.61 -19.43 11.75
N PHE A 158 -0.30 -19.22 11.73
CA PHE A 158 0.62 -19.88 10.79
C PHE A 158 0.68 -21.41 10.98
N SER A 159 0.55 -21.87 12.22
CA SER A 159 0.51 -23.32 12.51
C SER A 159 -0.75 -24.01 11.99
N GLN A 160 -1.83 -23.24 11.82
CA GLN A 160 -3.10 -23.73 11.28
C GLN A 160 -3.79 -24.77 12.19
N GLU A 161 -3.58 -24.66 13.50
CA GLU A 161 -4.17 -25.63 14.45
C GLU A 161 -5.70 -25.56 14.47
N ASP A 162 -6.32 -26.68 14.84
CA ASP A 162 -7.78 -26.79 14.84
C ASP A 162 -8.44 -25.90 15.90
N CYS A 163 -7.76 -25.70 17.02
CA CYS A 163 -8.24 -24.79 18.08
C CYS A 163 -8.21 -23.33 17.64
N MET A 164 -7.23 -22.97 16.82
CA MET A 164 -7.15 -21.62 16.24
C MET A 164 -8.28 -21.35 15.24
N ILE A 165 -8.60 -22.35 14.42
CA ILE A 165 -9.70 -22.24 13.44
C ILE A 165 -11.05 -22.12 14.16
N LYS A 166 -11.26 -22.99 15.15
CA LYS A 166 -12.52 -23.03 15.92
C LYS A 166 -12.66 -21.94 17.00
N ALA A 167 -11.58 -21.19 17.26
CA ALA A 167 -11.64 -20.00 18.11
C ALA A 167 -12.23 -18.75 17.43
N VAL A 168 -12.42 -18.81 16.10
CA VAL A 168 -12.96 -17.69 15.34
C VAL A 168 -14.43 -17.43 15.72
N ARG A 169 -14.77 -16.15 15.89
CA ARG A 169 -16.12 -15.73 16.26
C ARG A 169 -16.62 -14.68 15.26
N GLY A 170 -17.73 -14.98 14.60
CA GLY A 170 -18.30 -14.11 13.58
C GLY A 170 -17.80 -14.41 12.18
N ASP A 171 -18.27 -13.60 11.22
CA ASP A 171 -17.99 -13.79 9.80
C ASP A 171 -16.76 -13.00 9.38
N LEU A 172 -15.89 -13.62 8.58
CA LEU A 172 -14.64 -13.01 8.12
C LEU A 172 -14.81 -12.37 6.73
N ASN A 173 -14.94 -11.04 6.71
CA ASN A 173 -15.14 -10.27 5.48
C ASN A 173 -14.15 -9.11 5.35
N PHE A 174 -12.87 -9.40 5.61
CA PHE A 174 -11.81 -8.39 5.51
C PHE A 174 -11.41 -8.14 4.06
N VAL A 175 -11.05 -6.88 3.76
CA VAL A 175 -10.64 -6.47 2.42
C VAL A 175 -9.45 -5.51 2.47
N ASN A 176 -8.70 -5.45 1.37
CA ASN A 176 -7.55 -4.54 1.23
C ASN A 176 -8.01 -3.12 0.83
N ARG A 177 -7.07 -2.23 0.52
CA ARG A 177 -7.38 -0.86 0.05
C ARG A 177 -8.29 -0.80 -1.18
N ALA A 178 -8.11 -1.73 -2.11
CA ALA A 178 -8.92 -1.80 -3.34
C ALA A 178 -10.24 -2.60 -3.19
N ASN A 179 -10.65 -2.89 -1.96
CA ASN A 179 -11.93 -3.55 -1.65
C ASN A 179 -12.04 -4.96 -2.23
N GLN A 180 -10.96 -5.74 -2.06
CA GLN A 180 -10.89 -7.12 -2.57
C GLN A 180 -10.58 -8.04 -1.40
N ARG A 181 -11.31 -9.17 -1.33
CA ARG A 181 -11.22 -10.10 -0.20
C ARG A 181 -9.81 -10.64 0.02
N LEU A 182 -9.41 -10.70 1.29
CA LEU A 182 -8.12 -11.27 1.68
C LEU A 182 -8.22 -12.79 1.66
N ASN A 183 -7.11 -13.46 1.36
CA ASN A 183 -7.07 -14.93 1.35
C ASN A 183 -7.26 -15.51 2.75
N PRO A 184 -7.88 -16.70 2.87
CA PRO A 184 -8.25 -17.36 4.13
C PRO A 184 -7.29 -17.22 5.32
N MET A 185 -5.98 -17.29 5.07
CA MET A 185 -4.97 -17.13 6.14
C MET A 185 -4.92 -15.69 6.67
N HIS A 186 -4.95 -14.71 5.76
CA HIS A 186 -4.97 -13.29 6.15
C HIS A 186 -6.32 -12.87 6.78
N GLN A 187 -7.39 -13.59 6.46
CA GLN A 187 -8.68 -13.39 7.14
C GLN A 187 -8.59 -13.71 8.63
N LEU A 188 -7.82 -14.74 8.97
CA LEU A 188 -7.60 -15.15 10.36
C LEU A 188 -6.69 -14.16 11.10
N LEU A 189 -5.59 -13.75 10.47
CA LEU A 189 -4.67 -12.75 11.05
C LEU A 189 -5.39 -11.47 11.45
N ARG A 190 -6.09 -10.87 10.49
CA ARG A 190 -6.77 -9.59 10.70
C ARG A 190 -7.89 -9.68 11.75
N HIS A 191 -8.50 -10.86 11.87
CA HIS A 191 -9.47 -11.12 12.93
C HIS A 191 -8.80 -11.14 14.32
N PHE A 192 -7.80 -12.00 14.47
CA PHE A 192 -7.11 -12.17 15.76
C PHE A 192 -6.22 -10.98 16.15
N GLN A 193 -5.72 -10.24 15.17
CA GLN A 193 -4.96 -9.00 15.45
C GLN A 193 -5.79 -7.92 16.15
N LYS A 194 -7.08 -7.82 15.79
CA LYS A 194 -8.02 -6.90 16.46
C LYS A 194 -8.32 -7.36 17.88
N ASP A 195 -8.62 -8.64 18.05
CA ASP A 195 -8.88 -9.23 19.37
C ASP A 195 -8.73 -10.75 19.33
N ALA A 196 -8.00 -11.31 20.30
CA ALA A 196 -7.74 -12.75 20.35
C ALA A 196 -7.59 -13.26 21.79
N LYS A 197 -8.55 -12.91 22.63
CA LYS A 197 -8.62 -13.43 23.99
C LYS A 197 -9.18 -14.86 24.00
N VAL A 198 -10.12 -15.13 23.09
CA VAL A 198 -10.72 -16.47 22.96
C VAL A 198 -9.70 -17.48 22.43
N LEU A 199 -8.86 -17.05 21.49
CA LEU A 199 -7.76 -17.86 20.96
C LEU A 199 -6.79 -18.28 22.05
N PHE A 200 -6.32 -17.31 22.84
CA PHE A 200 -5.36 -17.56 23.92
C PHE A 200 -5.92 -18.46 25.01
N GLN A 201 -7.21 -18.31 25.33
CA GLN A 201 -7.89 -19.17 26.29
C GLN A 201 -8.01 -20.62 25.81
N ASN A 202 -8.43 -20.78 24.55
CA ASN A 202 -8.66 -22.11 23.97
C ASN A 202 -7.40 -22.83 23.46
N TRP A 203 -6.28 -22.12 23.34
CA TRP A 203 -5.03 -22.72 22.85
C TRP A 203 -4.51 -23.82 23.76
N GLY A 204 -4.43 -23.53 25.06
CA GLY A 204 -4.02 -24.49 26.08
C GLY A 204 -2.77 -24.04 26.82
N ILE A 205 -2.75 -24.32 28.12
CA ILE A 205 -1.64 -23.96 29.01
C ILE A 205 -0.94 -25.25 29.45
N GLU A 206 0.37 -25.18 29.69
CA GLU A 206 1.13 -26.30 30.24
C GLU A 206 2.17 -25.83 31.28
N PRO A 207 2.49 -26.67 32.28
CA PRO A 207 3.59 -26.32 33.21
C PRO A 207 4.97 -26.33 32.54
N ILE A 208 5.85 -25.46 33.01
CA ILE A 208 7.19 -25.28 32.43
C ILE A 208 8.30 -25.27 33.47
N ASP A 209 9.53 -25.41 32.99
CA ASP A 209 10.74 -25.28 33.81
C ASP A 209 11.50 -24.03 33.41
N ASN A 210 11.71 -23.12 34.36
CA ASN A 210 12.57 -21.96 34.15
C ASN A 210 14.02 -22.44 34.15
N VAL A 211 14.67 -22.39 32.98
CA VAL A 211 16.02 -22.95 32.81
C VAL A 211 16.96 -22.01 32.04
N MET A 212 16.75 -21.88 30.72
CA MET A 212 17.72 -21.23 29.83
C MET A 212 17.44 -19.74 29.67
N GLY A 213 17.23 -19.04 30.79
CA GLY A 213 16.69 -17.68 30.77
C GLY A 213 15.32 -17.61 30.10
N MET A 214 14.53 -18.67 30.29
CA MET A 214 13.23 -18.84 29.63
C MET A 214 12.13 -18.63 30.65
N ILE A 215 11.10 -17.88 30.26
CA ILE A 215 9.91 -17.69 31.08
C ILE A 215 8.65 -17.94 30.26
N GLY A 216 7.55 -18.16 30.97
CA GLY A 216 6.26 -18.41 30.34
C GLY A 216 5.50 -17.15 30.01
N ILE A 217 4.34 -17.34 29.40
CA ILE A 217 3.40 -16.26 29.12
C ILE A 217 1.97 -16.82 29.15
N LEU A 218 1.06 -16.06 29.74
CA LEU A 218 -0.31 -16.53 30.03
C LEU A 218 -1.32 -15.93 29.05
N PRO A 219 -2.57 -16.43 29.04
CA PRO A 219 -3.62 -15.87 28.17
C PRO A 219 -3.92 -14.37 28.32
N ASP A 220 -3.67 -13.81 29.51
CA ASP A 220 -3.80 -12.35 29.72
C ASP A 220 -2.56 -11.53 29.32
N MET A 221 -1.57 -12.17 28.68
CA MET A 221 -0.32 -11.55 28.22
C MET A 221 0.48 -10.94 29.38
N THR A 222 0.78 -11.80 30.35
CA THR A 222 1.58 -11.44 31.52
C THR A 222 2.69 -12.47 31.70
N PRO A 223 3.86 -12.05 32.26
CA PRO A 223 4.94 -13.03 32.47
C PRO A 223 4.62 -14.03 33.56
N SER A 224 5.20 -15.23 33.45
CA SER A 224 4.97 -16.29 34.44
C SER A 224 6.12 -17.31 34.43
N THR A 225 6.78 -17.45 35.57
CA THR A 225 7.84 -18.45 35.77
C THR A 225 7.29 -19.87 35.88
N GLU A 226 6.03 -20.00 36.33
CA GLU A 226 5.46 -21.30 36.70
C GLU A 226 4.89 -22.06 35.50
N MET A 227 4.02 -21.40 34.73
CA MET A 227 3.33 -22.01 33.58
C MET A 227 3.35 -21.11 32.36
N SER A 228 2.96 -21.67 31.21
CA SER A 228 2.95 -20.94 29.94
C SER A 228 1.93 -21.52 28.96
N LEU A 229 1.68 -20.76 27.89
CA LEU A 229 0.90 -21.26 26.75
C LEU A 229 1.59 -22.47 26.13
N ARG A 230 0.79 -23.39 25.57
CA ARG A 230 1.29 -24.65 25.00
C ARG A 230 2.32 -24.40 23.90
N GLY A 231 3.57 -24.76 24.17
CA GLY A 231 4.67 -24.61 23.23
C GLY A 231 5.41 -23.27 23.25
N VAL A 232 4.84 -22.26 23.90
CA VAL A 232 5.39 -20.90 23.88
C VAL A 232 6.34 -20.69 25.06
N ARG A 233 7.58 -20.31 24.76
CA ARG A 233 8.56 -19.88 25.76
C ARG A 233 9.04 -18.48 25.38
N VAL A 234 9.16 -17.58 26.36
CA VAL A 234 9.70 -16.24 26.14
C VAL A 234 11.11 -16.19 26.73
N SER A 235 12.10 -15.85 25.90
CA SER A 235 13.48 -15.70 26.35
C SER A 235 13.67 -14.30 26.94
N LYS A 236 14.24 -14.23 28.15
CA LYS A 236 14.59 -12.95 28.78
C LYS A 236 15.63 -12.20 27.96
N MET A 237 16.58 -12.95 27.39
CA MET A 237 17.63 -12.40 26.52
C MET A 237 17.09 -12.32 25.09
N GLY A 238 17.90 -11.75 24.20
CA GLY A 238 17.59 -11.72 22.77
C GLY A 238 17.87 -13.07 22.11
N VAL A 239 17.03 -13.44 21.14
CA VAL A 239 17.22 -14.68 20.39
C VAL A 239 18.34 -14.50 19.37
N ASP A 240 19.30 -15.43 19.38
CA ASP A 240 20.41 -15.43 18.43
C ASP A 240 19.99 -16.20 17.17
N GLU A 241 20.21 -15.60 16.00
CA GLU A 241 19.82 -16.20 14.70
C GLU A 241 21.01 -16.22 13.72
N TYR A 242 21.22 -15.16 12.96
CA TYR A 242 22.37 -15.03 12.04
C TYR A 242 22.42 -16.12 10.95
N SER A 243 21.40 -16.16 10.11
CA SER A 243 21.28 -17.15 9.03
C SER A 243 20.95 -16.46 7.71
N SER A 244 21.90 -16.46 6.77
CA SER A 244 21.74 -15.78 5.49
C SER A 244 20.81 -16.57 4.57
N THR A 245 19.86 -15.86 3.95
CA THR A 245 18.93 -16.46 2.98
C THR A 245 19.41 -16.15 1.57
N GLU A 246 19.21 -17.11 0.66
CA GLU A 246 19.64 -16.97 -0.73
C GLU A 246 18.79 -15.93 -1.46
N ARG A 247 19.42 -15.14 -2.32
CA ARG A 247 18.71 -14.23 -3.23
C ARG A 247 18.26 -15.02 -4.46
N VAL A 248 16.94 -15.11 -4.65
CA VAL A 248 16.33 -16.00 -5.65
C VAL A 248 15.54 -15.18 -6.67
N VAL A 249 15.45 -15.69 -7.90
CA VAL A 249 14.66 -15.06 -8.97
C VAL A 249 13.18 -15.20 -8.63
N VAL A 250 12.41 -14.14 -8.86
CA VAL A 250 10.98 -14.11 -8.53
C VAL A 250 10.15 -13.53 -9.68
N SER A 251 8.98 -14.12 -9.90
CA SER A 251 8.00 -13.61 -10.86
C SER A 251 7.00 -12.73 -10.14
N ILE A 252 6.41 -11.78 -10.87
CA ILE A 252 5.44 -10.83 -10.32
C ILE A 252 4.34 -10.53 -11.35
N ASP A 253 3.09 -10.69 -10.91
CA ASP A 253 1.92 -10.48 -11.76
C ASP A 253 1.41 -9.03 -11.64
N ARG A 254 0.31 -8.72 -12.33
CA ARG A 254 -0.29 -7.38 -12.29
C ARG A 254 -0.74 -6.92 -10.90
N PHE A 255 -1.12 -7.87 -10.03
CA PHE A 255 -1.60 -7.56 -8.68
C PHE A 255 -0.49 -7.36 -7.63
N LEU A 256 0.78 -7.34 -8.06
CA LEU A 256 1.95 -7.23 -7.18
C LEU A 256 2.10 -8.42 -6.22
N ARG A 257 1.72 -9.61 -6.68
CA ARG A 257 1.90 -10.84 -5.93
C ARG A 257 3.20 -11.50 -6.37
N VAL A 258 4.26 -11.27 -5.59
CA VAL A 258 5.59 -11.76 -5.92
C VAL A 258 5.66 -13.24 -5.56
N ARG A 259 5.94 -14.07 -6.56
CA ARG A 259 6.04 -15.53 -6.39
C ARG A 259 7.44 -16.03 -6.74
N ASP A 260 7.88 -17.05 -6.02
CA ASP A 260 9.19 -17.68 -6.25
C ASP A 260 9.12 -18.70 -7.38
N GLN A 261 10.23 -19.39 -7.65
CA GLN A 261 10.31 -20.40 -8.72
C GLN A 261 9.29 -21.53 -8.59
N ARG A 262 9.02 -21.96 -7.36
CA ARG A 262 8.06 -23.05 -7.09
C ARG A 262 6.60 -22.62 -7.25
N GLY A 263 6.32 -21.32 -7.09
CA GLY A 263 4.96 -20.78 -7.18
C GLY A 263 4.34 -20.30 -5.86
N ASN A 264 5.16 -20.17 -4.82
CA ASN A 264 4.71 -19.67 -3.50
C ASN A 264 4.76 -18.15 -3.43
N VAL A 265 3.72 -17.54 -2.88
CA VAL A 265 3.62 -16.08 -2.76
C VAL A 265 4.53 -15.60 -1.63
N LEU A 266 5.69 -15.04 -1.99
CA LEU A 266 6.63 -14.51 -1.01
C LEU A 266 6.13 -13.20 -0.40
N LEU A 267 5.74 -12.27 -1.27
CA LEU A 267 5.31 -10.93 -0.86
C LEU A 267 4.01 -10.54 -1.55
N SER A 268 3.34 -9.55 -0.95
CA SER A 268 2.12 -8.96 -1.51
C SER A 268 1.88 -7.60 -0.85
N PRO A 269 0.99 -6.76 -1.44
CA PRO A 269 0.69 -5.47 -0.80
C PRO A 269 -0.01 -5.54 0.57
N GLU A 270 -0.61 -6.70 0.88
CA GLU A 270 -1.19 -6.94 2.21
C GLU A 270 -0.11 -7.02 3.30
N GLU A 271 1.07 -7.50 2.94
CA GLU A 271 2.22 -7.58 3.85
C GLU A 271 2.98 -6.27 4.07
N VAL A 272 2.73 -5.27 3.22
CA VAL A 272 3.36 -3.95 3.36
C VAL A 272 2.81 -3.26 4.61
N SER A 273 3.70 -2.73 5.43
CA SER A 273 3.32 -2.13 6.72
C SER A 273 2.56 -0.82 6.52
N GLU A 274 1.69 -0.51 7.47
CA GLU A 274 0.87 0.71 7.45
C GLU A 274 1.57 1.93 8.06
N THR A 275 2.75 1.72 8.64
CA THR A 275 3.53 2.80 9.26
C THR A 275 4.01 3.81 8.22
N GLN A 276 3.77 5.09 8.48
CA GLN A 276 4.19 6.19 7.61
C GLN A 276 5.19 7.07 8.33
N GLY A 277 6.47 6.71 8.22
CA GLY A 277 7.55 7.47 8.84
C GLY A 277 7.84 8.77 8.13
N THR A 278 8.59 9.65 8.82
CA THR A 278 9.03 10.93 8.25
C THR A 278 10.29 10.71 7.42
N GLU A 279 10.42 11.47 6.33
CA GLU A 279 11.51 11.29 5.38
C GLU A 279 12.79 11.96 5.88
N LYS A 280 13.91 11.25 5.82
CA LYS A 280 15.23 11.84 6.11
C LYS A 280 15.70 12.58 4.86
N LEU A 281 15.95 11.85 3.79
CA LEU A 281 16.33 12.43 2.50
C LEU A 281 15.08 12.86 1.74
N THR A 282 15.22 13.90 0.91
CA THR A 282 14.10 14.44 0.13
C THR A 282 13.71 13.48 -1.00
N ILE A 283 12.53 12.89 -0.88
CA ILE A 283 11.97 12.03 -1.93
C ILE A 283 11.17 12.91 -2.90
N THR A 284 11.47 12.80 -4.18
CA THR A 284 10.84 13.61 -5.23
C THR A 284 10.10 12.71 -6.23
N TYR A 285 8.78 12.61 -6.05
CA TYR A 285 7.93 11.82 -6.94
C TYR A 285 7.55 12.69 -8.14
N SER A 286 7.96 12.29 -9.33
CA SER A 286 7.64 13.02 -10.57
C SER A 286 6.40 12.48 -11.29
N SER A 287 5.85 11.36 -10.81
CA SER A 287 4.64 10.77 -11.40
C SER A 287 3.41 11.57 -10.99
N SER A 288 2.44 11.68 -11.90
CA SER A 288 1.18 12.40 -11.64
C SER A 288 0.31 11.73 -10.58
N MET A 289 0.45 10.41 -10.43
CA MET A 289 -0.25 9.64 -9.40
C MET A 289 0.13 10.09 -7.98
N MET A 290 1.38 10.51 -7.80
CA MET A 290 1.90 10.95 -6.49
C MET A 290 1.82 12.47 -6.24
N TRP A 291 0.91 13.16 -6.93
CA TRP A 291 0.57 14.55 -6.55
C TRP A 291 -0.33 14.59 -5.32
N GLU A 292 -1.04 13.49 -5.04
CA GLU A 292 -1.88 13.37 -3.85
C GLU A 292 -1.10 13.25 -2.54
N ILE A 293 0.17 12.84 -2.61
CA ILE A 293 1.00 12.59 -1.41
C ILE A 293 1.19 13.83 -0.53
N ASN A 294 1.25 15.02 -1.15
CA ASN A 294 1.37 16.29 -0.41
C ASN A 294 0.03 17.02 -0.27
N GLY A 295 -1.05 16.25 -0.11
CA GLY A 295 -2.38 16.80 0.12
C GLY A 295 -3.13 17.23 -1.14
N PRO A 296 -4.47 17.42 -1.03
CA PRO A 296 -5.28 17.99 -2.13
C PRO A 296 -4.86 19.38 -2.63
N GLU A 297 -4.22 20.16 -1.76
CA GLU A 297 -3.71 21.49 -2.13
C GLU A 297 -2.64 21.43 -3.22
N SER A 298 -1.68 20.51 -3.05
CA SER A 298 -0.60 20.31 -4.02
C SER A 298 -1.07 19.69 -5.35
N VAL A 299 -2.18 18.95 -5.33
CA VAL A 299 -2.75 18.34 -6.54
C VAL A 299 -3.19 19.43 -7.52
N LEU A 300 -3.91 20.43 -7.00
CA LEU A 300 -4.36 21.56 -7.82
C LEU A 300 -3.19 22.38 -8.36
N VAL A 301 -2.13 22.52 -7.57
CA VAL A 301 -0.91 23.22 -8.00
C VAL A 301 -0.25 22.44 -9.13
N ASN A 302 0.05 21.16 -8.90
CA ASN A 302 0.74 20.32 -9.87
C ASN A 302 -0.03 20.05 -11.18
N THR A 303 -1.35 20.10 -11.12
CA THR A 303 -2.20 19.91 -12.32
C THR A 303 -2.02 21.08 -13.28
N TYR A 304 -2.23 22.29 -12.78
CA TYR A 304 -2.09 23.50 -13.61
C TYR A 304 -0.64 23.82 -13.97
N GLN A 305 0.32 23.35 -13.17
CA GLN A 305 1.74 23.39 -13.54
C GLN A 305 2.02 22.53 -14.77
N TRP A 306 1.58 21.27 -14.72
CA TRP A 306 1.78 20.32 -15.82
C TRP A 306 1.19 20.79 -17.16
N ILE A 307 0.04 21.44 -17.11
CA ILE A 307 -0.61 21.99 -18.31
C ILE A 307 0.23 23.13 -18.89
N ILE A 308 0.67 24.03 -18.02
CA ILE A 308 1.53 25.16 -18.40
C ILE A 308 2.87 24.71 -18.96
N ARG A 309 3.49 23.70 -18.32
CA ARG A 309 4.76 23.13 -18.79
C ARG A 309 4.65 22.52 -20.19
N ASN A 310 3.58 21.75 -20.41
CA ASN A 310 3.34 21.05 -21.68
C ASN A 310 2.26 21.74 -22.56
N TRP A 311 2.13 23.06 -22.44
CA TRP A 311 1.06 23.80 -23.12
C TRP A 311 1.07 23.68 -24.65
N GLU A 312 2.25 23.75 -25.25
CA GLU A 312 2.39 23.68 -26.72
C GLU A 312 1.92 22.35 -27.32
N THR A 313 2.10 21.26 -26.57
CA THR A 313 1.55 19.96 -26.95
C THR A 313 0.04 19.92 -26.72
N VAL A 314 -0.41 20.44 -25.57
CA VAL A 314 -1.84 20.46 -25.21
C VAL A 314 -2.65 21.29 -26.21
N LYS A 315 -2.12 22.45 -26.61
CA LYS A 315 -2.79 23.34 -27.57
C LYS A 315 -3.03 22.68 -28.93
N ILE A 316 -2.04 21.91 -29.39
CA ILE A 316 -2.15 21.15 -30.65
C ILE A 316 -3.17 20.01 -30.51
N GLN A 317 -3.12 19.30 -29.37
CA GLN A 317 -4.07 18.22 -29.07
C GLN A 317 -5.50 18.74 -28.92
N TRP A 318 -5.66 19.82 -28.16
CA TRP A 318 -6.96 20.48 -27.93
C TRP A 318 -7.70 20.76 -29.24
N SER A 319 -6.98 21.25 -30.24
CA SER A 319 -7.55 21.62 -31.53
C SER A 319 -7.92 20.40 -32.38
N GLN A 320 -6.98 19.47 -32.52
CA GLN A 320 -7.10 18.35 -33.47
C GLN A 320 -7.79 17.12 -32.87
N ASP A 321 -7.17 16.51 -31.87
CA ASP A 321 -7.69 15.30 -31.21
C ASP A 321 -7.96 15.60 -29.74
N PRO A 322 -9.16 16.15 -29.44
CA PRO A 322 -9.50 16.52 -28.07
C PRO A 322 -9.77 15.34 -27.13
N THR A 323 -10.31 14.24 -27.68
CA THR A 323 -10.56 13.02 -26.91
C THR A 323 -9.26 12.39 -26.38
N MET A 324 -8.17 12.54 -27.12
CA MET A 324 -6.82 12.16 -26.66
C MET A 324 -6.39 13.00 -25.45
N LEU A 325 -6.64 14.31 -25.51
CA LEU A 325 -6.29 15.23 -24.43
C LEU A 325 -7.08 14.95 -23.15
N TYR A 326 -8.39 14.81 -23.27
CA TYR A 326 -9.26 14.60 -22.09
C TYR A 326 -8.95 13.31 -21.33
N ASN A 327 -8.59 12.26 -22.07
CA ASN A 327 -8.30 10.94 -21.48
C ASN A 327 -6.83 10.74 -21.03
N LYS A 328 -6.12 11.83 -20.76
CA LYS A 328 -4.81 11.76 -20.12
C LYS A 328 -4.97 11.33 -18.67
N MET A 329 -3.96 10.63 -18.15
CA MET A 329 -3.97 10.12 -16.78
C MET A 329 -3.47 11.16 -15.77
N GLU A 330 -3.09 12.34 -16.25
CA GLU A 330 -2.63 13.44 -15.41
C GLU A 330 -3.79 14.26 -14.84
N PHE A 331 -4.98 14.12 -15.43
CA PHE A 331 -6.19 14.76 -14.89
C PHE A 331 -6.95 13.89 -13.88
N GLU A 332 -6.50 12.65 -13.65
CA GLU A 332 -7.15 11.75 -12.70
C GLU A 332 -7.08 12.19 -11.22
N PRO A 333 -5.91 12.71 -10.78
CA PRO A 333 -5.84 13.31 -9.44
C PRO A 333 -6.78 14.51 -9.23
N PHE A 334 -6.88 15.36 -10.24
CA PHE A 334 -7.83 16.49 -10.22
C PHE A 334 -9.28 16.00 -10.13
N GLN A 335 -9.61 14.97 -10.90
CA GLN A 335 -10.98 14.42 -10.95
C GLN A 335 -11.45 13.74 -9.67
N SER A 336 -10.50 13.26 -8.84
CA SER A 336 -10.85 12.72 -7.51
C SER A 336 -11.35 13.82 -6.56
N LEU A 337 -10.85 15.04 -6.74
CA LEU A 337 -11.25 16.20 -5.91
C LEU A 337 -12.63 16.76 -6.28
N VAL A 338 -13.08 16.50 -7.51
CA VAL A 338 -14.40 16.94 -7.98
C VAL A 338 -15.48 16.06 -7.32
N PRO A 339 -16.59 16.66 -6.84
CA PRO A 339 -17.68 15.86 -6.27
C PRO A 339 -18.28 14.85 -7.25
N LYS A 340 -18.38 13.59 -6.81
CA LYS A 340 -18.82 12.46 -7.67
C LYS A 340 -20.14 12.69 -8.40
N ALA A 341 -21.06 13.40 -7.75
CA ALA A 341 -22.36 13.74 -8.35
C ALA A 341 -22.25 14.63 -9.59
N ALA A 342 -21.35 15.62 -9.54
CA ALA A 342 -21.20 16.61 -10.61
C ALA A 342 -19.94 16.42 -11.49
N ARG A 343 -19.33 15.24 -11.47
CA ARG A 343 -18.13 14.98 -12.28
C ARG A 343 -18.45 14.99 -13.77
N GLY A 344 -19.43 14.18 -14.15
CA GLY A 344 -19.89 14.11 -15.53
C GLY A 344 -20.64 15.36 -16.01
N GLN A 345 -21.28 16.07 -15.07
CA GLN A 345 -22.00 17.30 -15.39
C GLN A 345 -21.06 18.46 -15.71
N TYR A 346 -19.99 18.61 -14.92
CA TYR A 346 -18.96 19.62 -15.21
C TYR A 346 -18.20 19.32 -16.50
N SER A 347 -17.95 18.03 -16.77
CA SER A 347 -17.30 17.59 -18.01
C SER A 347 -18.14 17.97 -19.23
N GLY A 348 -19.45 17.72 -19.15
CA GLY A 348 -20.38 18.10 -20.22
C GLY A 348 -20.46 19.59 -20.47
N PHE A 349 -20.41 20.39 -19.40
CA PHE A 349 -20.41 21.87 -19.49
C PHE A 349 -19.14 22.39 -20.17
N VAL A 350 -17.98 21.95 -19.67
CA VAL A 350 -16.69 22.43 -20.17
C VAL A 350 -16.40 21.96 -21.61
N ARG A 351 -16.83 20.73 -21.95
CA ARG A 351 -16.64 20.20 -23.30
C ARG A 351 -17.50 20.92 -24.35
N THR A 352 -18.66 21.45 -23.95
CA THR A 352 -19.44 22.38 -24.78
C THR A 352 -18.71 23.70 -24.99
N LEU A 353 -18.22 24.27 -23.89
CA LEU A 353 -17.51 25.55 -23.93
C LEU A 353 -16.29 25.51 -24.86
N PHE A 354 -15.62 24.36 -24.93
CA PHE A 354 -14.51 24.15 -25.87
C PHE A 354 -15.00 23.93 -27.31
N GLN A 355 -16.12 23.22 -27.48
CA GLN A 355 -16.73 23.05 -28.81
C GLN A 355 -17.13 24.41 -29.40
N GLN A 356 -17.83 25.22 -28.60
CA GLN A 356 -18.19 26.60 -28.98
C GLN A 356 -16.96 27.45 -29.33
N MET A 357 -15.87 27.24 -28.60
CA MET A 357 -14.59 27.93 -28.85
C MET A 357 -13.99 27.56 -30.21
N ARG A 358 -14.05 26.27 -30.56
CA ARG A 358 -13.63 25.79 -31.88
C ARG A 358 -14.60 26.21 -33.00
N ASP A 359 -15.89 26.20 -32.70
CA ASP A 359 -16.93 26.57 -33.69
C ASP A 359 -16.86 28.05 -34.06
N VAL A 360 -16.87 28.91 -33.06
CA VAL A 360 -16.86 30.37 -33.27
C VAL A 360 -15.45 30.88 -33.63
N LEU A 361 -14.43 30.04 -33.48
CA LEU A 361 -13.05 30.26 -33.97
C LEU A 361 -12.29 31.35 -33.21
N GLY A 362 -12.74 32.60 -33.32
CA GLY A 362 -12.13 33.73 -32.60
C GLY A 362 -12.70 33.99 -31.22
N THR A 363 -12.87 32.93 -30.42
CA THR A 363 -13.25 33.03 -29.01
C THR A 363 -12.18 32.35 -28.14
N PHE A 364 -10.97 32.20 -28.70
CA PHE A 364 -9.91 31.41 -28.07
C PHE A 364 -9.33 32.16 -26.86
N ASP A 365 -9.61 31.65 -25.67
CA ASP A 365 -9.31 32.35 -24.41
C ASP A 365 -7.94 32.01 -23.84
N THR A 366 -7.54 30.74 -23.93
CA THR A 366 -6.27 30.22 -23.36
C THR A 366 -6.33 30.11 -21.83
N VAL A 367 -6.55 31.24 -21.16
CA VAL A 367 -6.73 31.27 -19.70
C VAL A 367 -7.93 30.41 -19.27
N GLN A 368 -9.04 30.53 -20.00
CA GLN A 368 -10.26 29.74 -19.73
C GLN A 368 -10.05 28.25 -19.97
N ILE A 369 -9.24 27.91 -20.98
CA ILE A 369 -8.95 26.51 -21.33
C ILE A 369 -8.13 25.85 -20.23
N ILE A 370 -6.98 26.44 -19.91
CA ILE A 370 -6.07 25.91 -18.87
C ILE A 370 -6.80 25.78 -17.53
N LYS A 371 -7.66 26.75 -17.23
CA LYS A 371 -8.47 26.78 -16.01
C LYS A 371 -9.46 25.62 -15.93
N LEU A 372 -10.19 25.38 -17.03
CA LEU A 372 -11.30 24.42 -17.05
C LEU A 372 -10.99 23.03 -17.61
N LEU A 373 -9.87 22.88 -18.32
CA LEU A 373 -9.52 21.61 -19.00
C LEU A 373 -9.58 20.35 -18.12
N PRO A 374 -9.12 20.43 -16.84
CA PRO A 374 -9.21 19.26 -15.96
C PRO A 374 -10.62 18.72 -15.67
N PHE A 375 -11.64 19.59 -15.69
CA PHE A 375 -13.03 19.17 -15.51
C PHE A 375 -13.54 18.29 -16.67
N ALA A 376 -13.02 18.53 -17.87
CA ALA A 376 -13.40 17.74 -19.05
C ALA A 376 -12.84 16.31 -19.10
N ALA A 377 -11.99 15.94 -18.14
CA ALA A 377 -11.38 14.60 -18.10
C ALA A 377 -12.38 13.46 -17.92
N ALA A 378 -13.42 13.69 -17.13
CA ALA A 378 -14.44 12.66 -16.85
C ALA A 378 -15.33 12.39 -18.07
N PRO A 379 -16.06 11.25 -18.08
CA PRO A 379 -17.08 11.03 -19.12
C PRO A 379 -18.23 12.05 -18.99
N PRO A 380 -18.57 12.74 -20.09
CA PRO A 380 -19.54 13.85 -20.01
C PRO A 380 -20.99 13.40 -19.81
N LYS A 381 -21.80 14.30 -19.26
CA LYS A 381 -23.24 14.07 -19.06
C LYS A 381 -24.01 15.34 -19.41
N GLN A 382 -25.30 15.18 -19.73
CA GLN A 382 -26.16 16.31 -20.14
C GLN A 382 -26.39 17.28 -18.98
N SER A 383 -25.98 18.54 -19.18
CA SER A 383 -26.10 19.59 -18.17
C SER A 383 -27.05 20.69 -18.64
N ARG A 384 -27.76 21.30 -17.70
CA ARG A 384 -28.69 22.39 -18.00
C ARG A 384 -27.96 23.72 -18.23
N MET A 385 -26.87 23.91 -17.49
CA MET A 385 -25.77 24.85 -17.84
C MET A 385 -25.89 26.27 -17.26
N GLN A 386 -24.83 27.05 -17.50
CA GLN A 386 -24.61 28.37 -16.93
C GLN A 386 -24.29 28.21 -15.44
N PHE A 387 -23.27 27.39 -15.21
CA PHE A 387 -22.70 27.19 -13.88
C PHE A 387 -21.90 28.44 -13.53
N SER A 388 -22.32 29.13 -12.47
CA SER A 388 -21.57 30.28 -11.96
C SER A 388 -20.20 29.85 -11.45
N SER A 389 -20.17 28.73 -10.74
CA SER A 389 -18.94 28.15 -10.21
C SER A 389 -18.90 26.63 -10.39
N LEU A 390 -17.72 26.06 -10.14
CA LEU A 390 -17.49 24.62 -10.24
C LEU A 390 -16.77 24.15 -8.97
N THR A 391 -17.47 23.36 -8.15
CA THR A 391 -16.96 22.93 -6.85
C THR A 391 -15.83 21.90 -6.99
N VAL A 392 -14.76 22.11 -6.24
CA VAL A 392 -13.65 21.17 -6.15
C VAL A 392 -13.30 20.98 -4.67
N ASN A 393 -13.59 19.79 -4.14
CA ASN A 393 -13.43 19.51 -2.72
C ASN A 393 -11.97 19.32 -2.32
N VAL A 394 -11.44 20.28 -1.54
CA VAL A 394 -10.11 20.17 -0.94
C VAL A 394 -10.24 19.36 0.38
N ARG A 395 -9.51 19.72 1.44
CA ARG A 395 -9.70 19.09 2.75
C ARG A 395 -11.05 19.45 3.36
N GLY A 396 -12.06 18.62 3.06
CA GLY A 396 -13.41 18.82 3.59
C GLY A 396 -14.16 19.96 2.90
N SER A 397 -13.71 21.18 3.16
CA SER A 397 -14.25 22.40 2.54
C SER A 397 -14.28 22.33 1.01
N GLY A 398 -15.40 22.73 0.41
CA GLY A 398 -15.60 22.70 -1.04
C GLY A 398 -15.32 24.04 -1.69
N MET A 399 -14.05 24.31 -1.98
CA MET A 399 -13.63 25.57 -2.61
C MET A 399 -13.99 25.54 -4.10
N ARG A 400 -14.80 26.52 -4.52
CA ARG A 400 -15.34 26.55 -5.88
C ARG A 400 -14.55 27.48 -6.79
N ILE A 401 -14.39 27.06 -8.06
CA ILE A 401 -13.74 27.84 -9.10
C ILE A 401 -14.81 28.50 -9.97
N LEU A 402 -14.81 29.83 -10.03
CA LEU A 402 -15.73 30.58 -10.90
C LEU A 402 -15.35 30.36 -12.35
N VAL A 403 -16.34 30.34 -13.24
CA VAL A 403 -16.11 30.12 -14.68
C VAL A 403 -15.45 31.35 -15.30
N ARG A 404 -16.12 32.50 -15.20
CA ARG A 404 -15.59 33.76 -15.69
C ARG A 404 -14.88 34.50 -14.56
N GLY A 405 -13.64 34.91 -14.80
CA GLY A 405 -12.83 35.64 -13.81
C GLY A 405 -12.00 34.72 -12.94
N ASN A 406 -11.55 35.26 -11.80
CA ASN A 406 -10.65 34.56 -10.88
C ASN A 406 -11.38 33.98 -9.66
N SER A 407 -10.63 33.29 -8.80
CA SER A 407 -11.16 32.72 -7.57
C SER A 407 -10.02 32.47 -6.55
N PRO A 408 -10.36 32.10 -5.30
CA PRO A 408 -9.32 31.69 -4.34
C PRO A 408 -8.49 30.48 -4.80
N VAL A 409 -9.13 29.53 -5.48
CA VAL A 409 -8.46 28.33 -6.00
C VAL A 409 -7.59 28.71 -7.21
N PHE A 410 -8.19 29.34 -8.20
CA PHE A 410 -7.49 29.77 -9.41
C PHE A 410 -7.46 31.30 -9.46
N ASN A 411 -6.31 31.88 -9.13
CA ASN A 411 -6.10 33.33 -9.19
C ASN A 411 -5.00 33.64 -10.22
N TYR A 412 -5.43 34.16 -11.37
CA TYR A 412 -4.52 34.60 -12.44
C TYR A 412 -4.57 36.12 -12.58
N ASN A 413 -3.42 36.77 -12.38
CA ASN A 413 -3.26 38.19 -12.63
C ASN A 413 -2.70 38.37 -14.05
N LYS A 414 -3.46 39.06 -14.90
CA LYS A 414 -3.07 39.25 -16.30
C LYS A 414 -1.86 40.16 -16.48
N ALA A 415 -1.61 41.04 -15.51
CA ALA A 415 -0.43 41.90 -15.49
C ALA A 415 0.86 41.08 -15.34
N THR A 416 0.89 40.23 -14.32
CA THR A 416 2.08 39.42 -14.01
C THR A 416 2.31 38.27 -15.01
N LYS A 417 1.24 37.80 -15.65
CA LYS A 417 1.26 36.59 -16.50
C LYS A 417 1.66 35.33 -15.72
N ARG A 418 1.29 35.30 -14.43
CA ARG A 418 1.66 34.24 -13.51
C ARG A 418 0.40 33.69 -12.86
N LEU A 419 0.38 32.39 -12.62
CA LEU A 419 -0.76 31.71 -12.01
C LEU A 419 -0.51 31.45 -10.53
N THR A 420 -1.45 31.86 -9.69
CA THR A 420 -1.43 31.58 -8.26
C THR A 420 -2.53 30.57 -7.95
N VAL A 421 -2.16 29.53 -7.18
CA VAL A 421 -3.09 28.46 -6.80
C VAL A 421 -3.04 28.28 -5.28
N LEU A 422 -4.11 28.73 -4.60
CA LEU A 422 -4.23 28.68 -3.14
C LEU A 422 -3.05 29.35 -2.42
N GLY A 423 -2.63 30.51 -2.93
CA GLY A 423 -1.49 31.26 -2.40
C GLY A 423 -0.18 30.98 -3.12
N LYS A 424 0.11 29.69 -3.34
CA LYS A 424 1.39 29.27 -3.94
C LYS A 424 1.41 29.45 -5.46
N ASP A 425 2.60 29.71 -6.00
CA ASP A 425 2.78 29.93 -7.44
C ASP A 425 2.73 28.60 -8.19
N ALA A 426 2.25 28.65 -9.44
CA ALA A 426 2.08 27.45 -10.28
C ALA A 426 2.34 27.74 -11.76
N GLY A 427 3.62 27.89 -12.11
CA GLY A 427 4.03 28.10 -13.51
C GLY A 427 3.75 29.49 -14.05
N ALA A 428 4.12 29.69 -15.32
CA ALA A 428 3.93 30.98 -16.00
C ALA A 428 3.91 30.83 -17.53
N LEU A 429 3.14 31.71 -18.20
CA LEU A 429 3.09 31.78 -19.66
C LEU A 429 3.03 33.23 -20.11
O3B MGT B . 0.07 -18.38 -1.55
PB MGT B . -1.24 -18.12 -0.85
O1B MGT B . -2.26 -19.22 -0.71
O2B MGT B . -1.96 -16.87 -1.56
O3A MGT B . -0.93 -17.54 0.63
PA MGT B . -1.01 -18.43 1.98
O1A MGT B . -0.69 -19.87 1.65
O2A MGT B . -2.32 -18.10 2.64
O5' MGT B . 0.18 -17.87 2.92
C5' MGT B . 1.11 -16.83 2.58
C4' MGT B . 2.50 -17.39 2.31
O4' MGT B . 2.99 -18.03 3.49
C3' MGT B . 2.55 -18.42 1.19
O3' MGT B . 3.58 -18.11 0.25
C2' MGT B . 2.81 -19.75 1.86
O2' MGT B . 3.74 -20.57 1.13
C1' MGT B . 3.37 -19.39 3.22
N9 MGT B . 2.87 -20.33 4.26
C8 MGT B . 1.55 -20.01 4.84
N7 MGT B . 1.49 -21.15 5.75
CM7 MGT B . 0.23 -21.15 6.54
C5 MGT B . 2.53 -21.97 5.70
C6 MGT B . 2.89 -23.21 6.43
O6 MGT B . 2.12 -23.71 7.27
N1 MGT B . 4.07 -23.77 6.09
C2 MGT B . 4.91 -23.24 5.17
N2 MGT B . 6.07 -23.86 4.88
N3 MGT B . 4.63 -22.09 4.47
C4 MGT B . 3.47 -21.43 4.69
#